data_5THH
#
_entry.id   5THH
#
_cell.length_a   35.238
_cell.length_b   75.705
_cell.length_c   163.510
_cell.angle_alpha   90.000
_cell.angle_beta   90.000
_cell.angle_gamma   90.000
#
_symmetry.space_group_name_H-M   'P 2 21 21'
#
loop_
_entity.id
_entity.type
_entity.pdbx_description
1 polymer 'Tyrosine--tRNA ligase, cytoplasmic'
2 non-polymer TYROSINE
3 water water
#
_entity_poly.entity_id   1
_entity_poly.type   'polypeptide(L)'
_entity_poly.pdbx_seq_one_letter_code
;APSPEEKLHLITRNLQEVLGEEKLKEILKERELKIYWGTATTGKPHVAYFVPMSKIADFLKAGCEVTILFADLHAYLDNM
KAPWELLELRVSYYENVIKAMLESIGVPLEKLKFIKGTDYQLSKEYTLDVYRLSSVVTQHDSKKAGAEVVKQVEHPLLSG
LLYPGLQALDEEYLKVDAQFGGIDQRKIFTFAKKYLPALGYSKRVHLMNPMVPGLTGSKMSSSEEESKIDLLDRKEDVKK
KLKKAFCEPGNVENNGVLSFIKHVLFPLKSEFVILRDEKWGGNKTYTAYVDLEKDFAAEVVHPGDLKNSVEVALNKLLDP
IREKFNTPALKKLASAAYP
;
_entity_poly.pdbx_strand_id   A
#
# COMPACT_ATOMS: atom_id res chain seq x y z
N ALA A 1 -20.77 18.08 -3.36
CA ALA A 1 -19.57 17.65 -2.64
C ALA A 1 -19.49 16.14 -2.52
N PRO A 2 -18.27 15.60 -2.67
CA PRO A 2 -17.06 16.36 -3.02
C PRO A 2 -17.06 16.85 -4.48
N SER A 3 -16.58 18.07 -4.71
CA SER A 3 -16.36 18.59 -6.07
C SER A 3 -15.24 17.79 -6.78
N PRO A 4 -15.09 17.94 -8.12
CA PRO A 4 -13.88 17.36 -8.74
C PRO A 4 -12.57 17.83 -8.09
N GLU A 5 -12.53 19.07 -7.64
CA GLU A 5 -11.29 19.57 -7.05
C GLU A 5 -10.98 18.90 -5.67
N GLU A 6 -12.02 18.75 -4.84
N GLU A 6 -11.99 18.74 -4.83
CA GLU A 6 -11.86 18.05 -3.57
CA GLU A 6 -11.76 18.04 -3.56
C GLU A 6 -11.47 16.56 -3.79
C GLU A 6 -11.42 16.55 -3.80
N LYS A 7 -12.00 15.96 -4.84
CA LYS A 7 -11.74 14.53 -5.12
C LYS A 7 -10.28 14.42 -5.53
N LEU A 8 -9.85 15.36 -6.37
CA LEU A 8 -8.46 15.32 -6.84
C LEU A 8 -7.53 15.49 -5.64
N HIS A 9 -7.87 16.43 -4.76
CA HIS A 9 -7.03 16.61 -3.56
C HIS A 9 -6.97 15.34 -2.67
N LEU A 10 -8.11 14.75 -2.36
CA LEU A 10 -8.14 13.46 -1.60
C LEU A 10 -7.31 12.36 -2.26
N ILE A 11 -7.50 12.20 -3.56
CA ILE A 11 -6.83 11.15 -4.32
C ILE A 11 -5.32 11.36 -4.34
N THR A 12 -4.87 12.62 -4.47
CA THR A 12 -3.42 12.83 -4.73
C THR A 12 -2.63 13.29 -3.53
N ARG A 13 -3.28 13.53 -2.39
CA ARG A 13 -2.52 14.09 -1.26
C ARG A 13 -1.52 13.03 -0.75
N ASN A 14 -0.35 13.49 -0.27
CA ASN A 14 0.72 12.61 0.27
C ASN A 14 1.43 11.72 -0.79
N LEU A 15 1.02 11.76 -2.04
CA LEU A 15 1.77 10.99 -3.07
C LEU A 15 3.09 11.63 -3.40
N GLN A 16 4.05 10.83 -3.87
CA GLN A 16 5.31 11.38 -4.36
C GLN A 16 5.11 11.87 -5.77
N GLU A 17 4.34 11.14 -6.59
CA GLU A 17 4.25 11.55 -8.00
C GLU A 17 2.93 11.15 -8.66
N VAL A 18 2.39 12.04 -9.51
CA VAL A 18 1.17 11.77 -10.28
C VAL A 18 1.58 11.75 -11.77
N LEU A 19 1.35 10.64 -12.47
CA LEU A 19 1.55 10.53 -13.94
C LEU A 19 0.18 10.49 -14.59
N GLY A 20 -0.11 11.42 -15.49
CA GLY A 20 -1.39 11.41 -16.20
C GLY A 20 -2.42 12.38 -15.61
N GLU A 21 -1.96 13.51 -15.06
CA GLU A 21 -2.92 14.52 -14.48
C GLU A 21 -3.99 14.97 -15.50
N GLU A 22 -3.57 15.12 -16.76
CA GLU A 22 -4.55 15.63 -17.75
C GLU A 22 -5.79 14.70 -17.79
N LYS A 23 -5.55 13.40 -17.95
CA LYS A 23 -6.68 12.45 -18.09
C LYS A 23 -7.41 12.33 -16.76
N LEU A 24 -6.66 12.36 -15.65
CA LEU A 24 -7.25 12.23 -14.32
C LEU A 24 -8.32 13.35 -14.13
N LYS A 25 -7.96 14.59 -14.50
CA LYS A 25 -8.90 15.69 -14.34
C LYS A 25 -10.04 15.56 -15.32
N GLU A 26 -9.76 15.08 -16.54
CA GLU A 26 -10.88 14.85 -17.48
C GLU A 26 -11.90 13.85 -16.91
N ILE A 27 -11.42 12.78 -16.29
CA ILE A 27 -12.33 11.78 -15.75
C ILE A 27 -13.13 12.36 -14.60
N LEU A 28 -12.43 13.06 -13.69
CA LEU A 28 -13.08 13.53 -12.49
C LEU A 28 -14.12 14.62 -12.79
N LYS A 29 -14.07 15.27 -13.96
CA LYS A 29 -15.09 16.27 -14.28
C LYS A 29 -16.44 15.55 -14.51
N GLU A 30 -16.39 14.28 -14.90
CA GLU A 30 -17.55 13.58 -15.41
C GLU A 30 -18.07 12.44 -14.53
N ARG A 31 -17.15 11.73 -13.88
CA ARG A 31 -17.52 10.44 -13.26
C ARG A 31 -16.52 10.03 -12.19
N GLU A 32 -16.78 8.89 -11.55
CA GLU A 32 -15.84 8.39 -10.53
C GLU A 32 -14.68 7.71 -11.21
N LEU A 33 -13.50 7.86 -10.62
CA LEU A 33 -12.28 7.23 -11.07
C LEU A 33 -12.32 5.74 -10.70
N LYS A 34 -11.92 4.86 -11.65
CA LYS A 34 -11.75 3.39 -11.35
C LYS A 34 -10.25 3.13 -11.13
N ILE A 35 -9.88 2.62 -9.96
CA ILE A 35 -8.45 2.53 -9.66
C ILE A 35 -8.20 1.21 -8.97
N TYR A 36 -7.00 0.64 -9.12
CA TYR A 36 -6.69 -0.55 -8.33
C TYR A 36 -5.31 -0.49 -7.70
N TRP A 37 -5.12 -1.31 -6.66
CA TRP A 37 -3.81 -1.49 -6.04
C TRP A 37 -3.58 -3.01 -5.97
N GLY A 38 -2.38 -3.49 -6.32
CA GLY A 38 -2.10 -4.93 -6.23
C GLY A 38 -1.06 -5.21 -5.16
N THR A 39 -1.11 -6.41 -4.57
CA THR A 39 -0.15 -6.87 -3.61
C THR A 39 0.09 -8.36 -3.88
N ALA A 40 1.37 -8.75 -4.02
CA ALA A 40 1.64 -10.14 -4.24
C ALA A 40 1.49 -10.84 -2.88
N THR A 41 0.93 -12.05 -2.89
CA THR A 41 0.59 -12.65 -1.63
C THR A 41 1.82 -13.43 -1.10
N THR A 42 2.74 -12.69 -0.54
CA THR A 42 4.04 -13.25 -0.23
C THR A 42 4.21 -13.31 1.30
N GLY A 43 4.98 -12.41 1.91
CA GLY A 43 5.23 -12.51 3.34
C GLY A 43 4.07 -11.93 4.14
N LYS A 44 4.01 -12.24 5.44
CA LYS A 44 2.95 -11.69 6.30
C LYS A 44 2.87 -10.14 6.27
N PRO A 45 1.69 -9.57 5.93
CA PRO A 45 1.68 -8.09 6.03
C PRO A 45 1.93 -7.58 7.47
N HIS A 46 2.65 -6.46 7.57
CA HIS A 46 3.09 -5.88 8.85
C HIS A 46 2.50 -4.45 8.93
N VAL A 47 2.86 -3.66 9.94
CA VAL A 47 2.12 -2.40 10.13
C VAL A 47 2.39 -1.39 9.06
N ALA A 48 3.52 -1.52 8.39
CA ALA A 48 3.76 -0.70 7.21
C ALA A 48 2.63 -0.79 6.13
N TYR A 49 1.84 -1.86 6.11
CA TYR A 49 0.72 -1.87 5.14
C TYR A 49 -0.32 -0.77 5.38
N PHE A 50 -0.31 -0.19 6.57
CA PHE A 50 -1.22 0.93 6.85
C PHE A 50 -0.94 2.10 5.89
N VAL A 51 0.27 2.14 5.30
CA VAL A 51 0.54 3.27 4.40
C VAL A 51 -0.29 3.20 3.08
N PRO A 52 -0.19 2.09 2.29
CA PRO A 52 -1.09 2.03 1.13
C PRO A 52 -2.58 1.99 1.54
N MET A 53 -2.90 1.38 2.70
CA MET A 53 -4.33 1.29 3.09
C MET A 53 -4.91 2.68 3.32
N SER A 54 -4.07 3.59 3.82
CA SER A 54 -4.52 4.99 4.02
C SER A 54 -4.86 5.64 2.67
N LYS A 55 -4.07 5.34 1.62
CA LYS A 55 -4.40 5.91 0.34
C LYS A 55 -5.68 5.24 -0.17
N ILE A 56 -5.86 3.93 0.10
CA ILE A 56 -7.10 3.31 -0.37
C ILE A 56 -8.29 3.99 0.33
N ALA A 57 -8.10 4.35 1.62
CA ALA A 57 -9.18 4.99 2.36
C ALA A 57 -9.51 6.29 1.63
N ASP A 58 -8.46 7.04 1.24
CA ASP A 58 -8.64 8.35 0.58
C ASP A 58 -9.43 8.12 -0.72
N PHE A 59 -9.05 7.07 -1.46
CA PHE A 59 -9.70 6.85 -2.77
C PHE A 59 -11.17 6.61 -2.50
N LEU A 60 -11.46 5.81 -1.46
CA LEU A 60 -12.87 5.49 -1.24
C LEU A 60 -13.61 6.74 -0.78
N LYS A 61 -12.92 7.66 -0.09
CA LYS A 61 -13.59 8.88 0.38
C LYS A 61 -13.93 9.81 -0.78
N ALA A 62 -13.08 9.76 -1.79
CA ALA A 62 -13.29 10.55 -2.99
C ALA A 62 -14.36 9.94 -3.92
N GLY A 63 -14.96 8.82 -3.55
CA GLY A 63 -15.99 8.20 -4.39
C GLY A 63 -15.47 7.26 -5.51
N CYS A 64 -14.18 6.96 -5.49
CA CYS A 64 -13.55 6.04 -6.50
C CYS A 64 -14.11 4.63 -6.41
N GLU A 65 -14.15 3.93 -7.55
CA GLU A 65 -14.40 2.48 -7.57
C GLU A 65 -13.04 1.82 -7.40
N VAL A 66 -12.82 1.18 -6.27
CA VAL A 66 -11.49 0.65 -5.96
C VAL A 66 -11.44 -0.88 -6.00
N THR A 67 -10.47 -1.43 -6.70
CA THR A 67 -10.22 -2.89 -6.72
C THR A 67 -8.92 -3.17 -5.95
N ILE A 68 -8.91 -4.20 -5.08
CA ILE A 68 -7.66 -4.69 -4.51
C ILE A 68 -7.37 -6.07 -5.19
N LEU A 69 -6.21 -6.14 -5.86
CA LEU A 69 -5.76 -7.38 -6.51
C LEU A 69 -4.85 -8.16 -5.57
N PHE A 70 -5.24 -9.40 -5.29
CA PHE A 70 -4.38 -10.32 -4.57
C PHE A 70 -3.69 -11.12 -5.64
N ALA A 71 -2.45 -10.71 -5.89
CA ALA A 71 -1.71 -11.24 -7.05
C ALA A 71 -0.99 -12.50 -6.69
N ASP A 72 -1.70 -13.63 -6.67
CA ASP A 72 -1.09 -14.88 -6.25
C ASP A 72 -0.12 -15.46 -7.31
N LEU A 73 -0.52 -15.38 -8.57
CA LEU A 73 0.39 -15.84 -9.62
C LEU A 73 1.69 -15.00 -9.57
N HIS A 74 1.56 -13.70 -9.36
CA HIS A 74 2.76 -12.83 -9.24
C HIS A 74 3.65 -13.29 -8.08
N ALA A 75 3.05 -13.64 -6.93
CA ALA A 75 3.84 -14.21 -5.82
C ALA A 75 4.63 -15.40 -6.33
N TYR A 76 3.97 -16.24 -7.12
CA TYR A 76 4.69 -17.43 -7.64
C TYR A 76 5.85 -17.09 -8.62
N LEU A 77 5.57 -16.17 -9.54
CA LEU A 77 6.55 -15.78 -10.56
C LEU A 77 7.80 -15.03 -9.99
N ASP A 78 7.65 -14.44 -8.83
CA ASP A 78 8.74 -13.63 -8.26
C ASP A 78 9.61 -14.55 -7.44
N ASN A 79 10.34 -15.41 -8.12
CA ASN A 79 11.26 -16.33 -7.46
C ASN A 79 10.59 -17.18 -6.38
N MET A 80 9.35 -17.56 -6.64
CA MET A 80 8.60 -18.47 -5.79
C MET A 80 8.56 -17.99 -4.32
N LYS A 81 8.39 -16.67 -4.15
CA LYS A 81 8.22 -16.02 -2.83
C LYS A 81 7.00 -16.61 -2.10
N ALA A 82 6.09 -17.22 -2.86
CA ALA A 82 5.10 -18.16 -2.35
C ALA A 82 5.04 -19.38 -3.31
N PRO A 83 5.13 -20.62 -2.78
CA PRO A 83 4.95 -21.90 -3.53
C PRO A 83 3.49 -22.12 -3.99
N TRP A 84 3.17 -23.11 -4.86
CA TRP A 84 1.78 -23.22 -5.38
C TRP A 84 0.79 -23.80 -4.36
N GLU A 85 1.25 -24.79 -3.61
CA GLU A 85 0.54 -25.34 -2.45
C GLU A 85 -0.12 -24.27 -1.53
N LEU A 86 0.63 -23.20 -1.23
CA LEU A 86 0.29 -22.25 -0.15
C LEU A 86 -0.45 -21.02 -0.61
N LEU A 87 -0.52 -20.85 -1.94
CA LEU A 87 -1.11 -19.65 -2.53
C LEU A 87 -2.53 -19.42 -2.06
N GLU A 88 -3.37 -20.46 -2.07
CA GLU A 88 -4.76 -20.25 -1.65
C GLU A 88 -4.81 -19.81 -0.18
N LEU A 89 -4.00 -20.46 0.65
CA LEU A 89 -3.91 -20.08 2.05
C LEU A 89 -3.48 -18.62 2.23
N ARG A 90 -2.45 -18.20 1.49
CA ARG A 90 -1.94 -16.84 1.70
C ARG A 90 -2.88 -15.80 1.15
N VAL A 91 -3.63 -16.18 0.10
CA VAL A 91 -4.68 -15.29 -0.41
C VAL A 91 -5.71 -15.10 0.71
N SER A 92 -6.10 -16.18 1.37
CA SER A 92 -7.12 -16.01 2.42
C SER A 92 -6.63 -15.17 3.60
N TYR A 93 -5.37 -15.41 4.00
CA TYR A 93 -4.76 -14.64 5.08
C TYR A 93 -4.69 -13.14 4.70
N TYR A 94 -4.23 -12.86 3.48
CA TYR A 94 -4.13 -11.47 3.02
C TYR A 94 -5.52 -10.82 3.01
N GLU A 95 -6.52 -11.53 2.50
CA GLU A 95 -7.85 -10.92 2.32
C GLU A 95 -8.44 -10.57 3.66
N ASN A 96 -8.27 -11.53 4.57
CA ASN A 96 -8.73 -11.32 5.94
C ASN A 96 -8.05 -10.13 6.63
N VAL A 97 -6.74 -10.07 6.51
CA VAL A 97 -6.02 -9.06 7.27
C VAL A 97 -6.19 -7.63 6.65
N ILE A 98 -6.34 -7.58 5.33
CA ILE A 98 -6.54 -6.30 4.68
C ILE A 98 -7.94 -5.76 4.95
N LYS A 99 -8.94 -6.65 4.87
CA LYS A 99 -10.28 -6.26 5.28
C LYS A 99 -10.31 -5.80 6.76
N ALA A 100 -9.57 -6.48 7.66
CA ALA A 100 -9.56 -6.04 9.07
C ALA A 100 -8.91 -4.64 9.23
N MET A 101 -7.82 -4.41 8.51
CA MET A 101 -7.16 -3.10 8.51
C MET A 101 -8.09 -2.00 8.09
N LEU A 102 -8.78 -2.24 6.98
CA LEU A 102 -9.66 -1.22 6.45
C LEU A 102 -10.85 -1.00 7.38
N GLU A 103 -11.36 -2.07 8.00
CA GLU A 103 -12.41 -1.93 8.98
C GLU A 103 -11.98 -1.09 10.17
N SER A 104 -10.76 -1.32 10.60
CA SER A 104 -10.19 -0.63 11.75
C SER A 104 -10.05 0.87 11.44
N ILE A 105 -9.55 1.21 10.26
CA ILE A 105 -9.57 2.61 9.80
C ILE A 105 -10.98 3.23 9.73
N GLY A 106 -11.97 2.45 9.35
CA GLY A 106 -13.34 2.96 9.29
C GLY A 106 -13.59 3.38 7.84
N VAL A 107 -13.45 2.43 6.97
CA VAL A 107 -13.58 2.57 5.54
C VAL A 107 -14.72 1.67 5.08
N PRO A 108 -15.71 2.26 4.39
CA PRO A 108 -16.84 1.53 3.81
C PRO A 108 -16.38 0.52 2.75
N LEU A 109 -16.26 -0.76 3.14
CA LEU A 109 -15.88 -1.82 2.20
C LEU A 109 -16.93 -2.07 1.08
N GLU A 110 -17.32 -0.99 0.40
CA GLU A 110 -18.55 -0.83 -0.36
C GLU A 110 -18.44 -0.82 -1.90
N LYS A 111 -17.70 0.17 -2.38
CA LYS A 111 -17.30 0.26 -3.76
C LYS A 111 -15.96 -0.45 -3.84
N LEU A 112 -15.72 -1.34 -2.86
CA LEU A 112 -14.43 -2.07 -2.79
C LEU A 112 -14.59 -3.49 -3.37
N LYS A 113 -13.76 -3.84 -4.32
CA LYS A 113 -13.83 -5.12 -4.97
C LYS A 113 -12.54 -5.88 -4.66
N PHE A 114 -12.65 -7.12 -4.19
CA PHE A 114 -11.44 -7.97 -3.97
C PHE A 114 -11.35 -8.95 -5.16
N ILE A 115 -10.19 -9.10 -5.78
CA ILE A 115 -10.10 -10.10 -6.82
C ILE A 115 -8.74 -10.81 -6.69
N LYS A 116 -8.68 -12.09 -6.98
CA LYS A 116 -7.35 -12.72 -6.97
C LYS A 116 -6.87 -12.98 -8.39
N GLY A 117 -5.56 -12.84 -8.59
CA GLY A 117 -5.02 -12.90 -9.95
C GLY A 117 -5.45 -14.17 -10.69
N THR A 118 -5.30 -15.33 -10.09
CA THR A 118 -5.65 -16.52 -10.85
C THR A 118 -7.14 -16.68 -11.18
N ASP A 119 -7.99 -15.74 -10.73
CA ASP A 119 -9.41 -15.70 -11.17
C ASP A 119 -9.51 -15.43 -12.67
N TYR A 120 -8.51 -14.75 -13.24
CA TYR A 120 -8.60 -14.35 -14.67
C TYR A 120 -7.23 -14.48 -15.42
N GLN A 121 -6.09 -14.59 -14.71
CA GLN A 121 -4.78 -14.54 -15.41
C GLN A 121 -4.45 -15.86 -16.11
N LEU A 122 -5.28 -16.88 -15.91
CA LEU A 122 -5.09 -18.14 -16.66
C LEU A 122 -6.15 -18.32 -17.74
N SER A 123 -6.96 -17.29 -18.00
CA SER A 123 -8.01 -17.43 -19.00
C SER A 123 -7.39 -17.39 -20.39
N LYS A 124 -8.10 -17.91 -21.39
CA LYS A 124 -7.60 -17.90 -22.77
C LYS A 124 -7.33 -16.51 -23.34
N GLU A 125 -8.25 -15.57 -23.11
CA GLU A 125 -8.07 -14.21 -23.63
C GLU A 125 -6.82 -13.51 -23.05
N TYR A 126 -6.68 -13.62 -21.72
CA TYR A 126 -5.53 -13.02 -21.06
C TYR A 126 -4.21 -13.68 -21.54
N THR A 127 -4.18 -14.99 -21.60
CA THR A 127 -2.98 -15.70 -22.03
C THR A 127 -2.61 -15.30 -23.48
N LEU A 128 -3.61 -15.18 -24.34
CA LEU A 128 -3.37 -14.74 -25.71
C LEU A 128 -2.70 -13.38 -25.69
N ASP A 129 -3.16 -12.50 -24.79
CA ASP A 129 -2.53 -11.17 -24.70
C ASP A 129 -1.13 -11.23 -24.10
N VAL A 130 -0.87 -12.19 -23.22
CA VAL A 130 0.50 -12.39 -22.72
C VAL A 130 1.42 -12.74 -23.91
N TYR A 131 0.96 -13.64 -24.80
CA TYR A 131 1.81 -13.94 -25.98
C TYR A 131 1.97 -12.75 -26.94
N ARG A 132 0.89 -11.97 -27.16
CA ARG A 132 1.05 -10.80 -28.02
C ARG A 132 2.06 -9.81 -27.41
N LEU A 133 1.93 -9.58 -26.11
CA LEU A 133 2.85 -8.67 -25.44
C LEU A 133 4.28 -9.21 -25.59
N SER A 134 4.40 -10.51 -25.47
CA SER A 134 5.72 -11.12 -25.56
C SER A 134 6.30 -10.94 -26.94
N SER A 135 5.43 -10.72 -27.93
CA SER A 135 5.97 -10.54 -29.30
C SER A 135 6.42 -9.07 -29.63
N VAL A 136 6.16 -8.12 -28.73
CA VAL A 136 6.66 -6.77 -28.94
C VAL A 136 7.60 -6.31 -27.83
N VAL A 137 7.55 -6.96 -26.69
CA VAL A 137 8.48 -6.56 -25.62
C VAL A 137 9.85 -7.24 -25.74
N THR A 138 10.93 -6.47 -25.69
CA THR A 138 12.28 -7.08 -25.77
C THR A 138 12.60 -7.68 -24.41
N GLN A 139 13.46 -8.70 -24.35
CA GLN A 139 13.93 -9.20 -23.05
C GLN A 139 14.56 -8.09 -22.21
N HIS A 140 15.35 -7.26 -22.89
CA HIS A 140 15.99 -6.09 -22.29
C HIS A 140 15.05 -5.17 -21.51
N ASP A 141 13.99 -4.70 -22.16
CA ASP A 141 12.98 -3.88 -21.51
C ASP A 141 12.26 -4.58 -20.35
N SER A 142 11.97 -5.88 -20.48
CA SER A 142 11.23 -6.53 -19.38
C SER A 142 12.14 -6.79 -18.17
N LYS A 143 13.43 -7.07 -18.43
CA LYS A 143 14.37 -7.18 -17.34
C LYS A 143 14.54 -5.81 -16.67
N LYS A 144 14.56 -4.76 -17.49
CA LYS A 144 14.73 -3.40 -16.94
C LYS A 144 13.50 -2.96 -16.12
N ALA A 145 12.32 -3.32 -16.59
CA ALA A 145 11.13 -2.84 -15.97
C ALA A 145 10.98 -3.43 -14.57
N GLY A 146 11.47 -4.65 -14.37
CA GLY A 146 11.32 -5.34 -13.09
C GLY A 146 12.42 -5.13 -12.06
N ALA A 147 13.42 -4.31 -12.38
CA ALA A 147 14.67 -4.30 -11.59
C ALA A 147 14.50 -3.95 -10.11
N GLU A 148 13.60 -3.02 -9.80
CA GLU A 148 13.37 -2.64 -8.39
C GLU A 148 12.25 -3.44 -7.72
N VAL A 149 11.61 -4.34 -8.45
CA VAL A 149 10.41 -4.99 -7.95
C VAL A 149 10.58 -6.51 -7.73
N VAL A 150 11.07 -7.22 -8.75
CA VAL A 150 11.24 -8.65 -8.56
C VAL A 150 12.62 -8.94 -7.99
N LYS A 151 12.70 -9.99 -7.19
CA LYS A 151 13.95 -10.44 -6.61
C LYS A 151 15.02 -10.56 -7.70
N GLN A 152 16.18 -9.94 -7.48
CA GLN A 152 17.27 -10.02 -8.43
C GLN A 152 18.25 -11.12 -7.99
N VAL A 153 18.28 -12.20 -8.76
CA VAL A 153 19.13 -13.36 -8.47
C VAL A 153 20.22 -13.50 -9.52
N GLU A 154 21.25 -14.28 -9.23
CA GLU A 154 22.43 -14.33 -10.08
C GLU A 154 22.18 -14.98 -11.46
N HIS A 155 21.25 -15.92 -11.52
CA HIS A 155 20.80 -16.51 -12.79
C HIS A 155 19.30 -16.23 -13.05
N PRO A 156 18.99 -15.04 -13.59
CA PRO A 156 17.60 -14.59 -13.71
C PRO A 156 16.67 -15.65 -14.39
N LEU A 157 15.52 -15.94 -13.76
CA LEU A 157 14.55 -16.89 -14.27
C LEU A 157 13.63 -16.24 -15.30
N LEU A 158 13.12 -17.03 -16.25
CA LEU A 158 12.12 -16.50 -17.20
C LEU A 158 10.91 -15.85 -16.55
N SER A 159 10.47 -16.47 -15.47
CA SER A 159 9.27 -15.93 -14.76
C SER A 159 9.47 -14.45 -14.38
N GLY A 160 10.69 -14.13 -14.00
CA GLY A 160 10.95 -12.74 -13.61
C GLY A 160 10.75 -11.78 -14.78
N LEU A 161 11.02 -12.25 -15.99
CA LEU A 161 10.77 -11.45 -17.20
C LEU A 161 9.30 -11.37 -17.51
N LEU A 162 8.54 -12.42 -17.18
CA LEU A 162 7.09 -12.34 -17.43
C LEU A 162 6.33 -11.38 -16.50
N TYR A 163 6.81 -11.29 -15.26
CA TYR A 163 6.13 -10.53 -14.18
C TYR A 163 5.62 -9.12 -14.61
N PRO A 164 6.50 -8.26 -15.19
CA PRO A 164 5.93 -6.91 -15.43
C PRO A 164 4.90 -6.89 -16.56
N GLY A 165 5.04 -7.78 -17.53
CA GLY A 165 4.02 -7.82 -18.59
C GLY A 165 2.63 -8.12 -18.05
N LEU A 166 2.58 -9.08 -17.12
CA LEU A 166 1.31 -9.44 -16.52
C LEU A 166 0.77 -8.27 -15.70
N GLN A 167 1.66 -7.63 -14.94
CA GLN A 167 1.18 -6.45 -14.21
C GLN A 167 0.60 -5.37 -15.15
N ALA A 168 1.22 -5.16 -16.31
CA ALA A 168 0.65 -4.24 -17.29
C ALA A 168 -0.74 -4.67 -17.78
N LEU A 169 -0.88 -5.96 -18.15
CA LEU A 169 -2.17 -6.42 -18.67
C LEU A 169 -3.25 -6.33 -17.60
N ASP A 170 -2.84 -6.50 -16.34
CA ASP A 170 -3.80 -6.39 -15.24
C ASP A 170 -4.59 -5.08 -15.27
N GLU A 171 -3.94 -3.98 -15.68
CA GLU A 171 -4.67 -2.70 -15.80
C GLU A 171 -5.86 -2.85 -16.77
N GLU A 172 -5.65 -3.49 -17.91
CA GLU A 172 -6.74 -3.64 -18.86
C GLU A 172 -7.80 -4.63 -18.37
N TYR A 173 -7.37 -5.76 -17.82
CA TYR A 173 -8.36 -6.79 -17.50
C TYR A 173 -9.18 -6.42 -16.25
N LEU A 174 -8.64 -5.57 -15.40
CA LEU A 174 -9.41 -5.07 -14.23
C LEU A 174 -10.23 -3.83 -14.65
N LYS A 175 -10.08 -3.41 -15.90
CA LYS A 175 -10.90 -2.33 -16.50
C LYS A 175 -10.83 -1.05 -15.64
N VAL A 176 -9.61 -0.66 -15.27
CA VAL A 176 -9.45 0.55 -14.44
C VAL A 176 -8.95 1.73 -15.27
N ASP A 177 -9.09 2.93 -14.72
CA ASP A 177 -8.53 4.16 -15.31
C ASP A 177 -7.10 4.39 -14.81
N ALA A 178 -6.80 3.82 -13.64
CA ALA A 178 -5.59 4.19 -12.91
C ALA A 178 -5.06 3.04 -12.05
N GLN A 179 -3.76 3.04 -11.76
CA GLN A 179 -3.18 2.11 -10.80
C GLN A 179 -2.39 2.93 -9.77
N PHE A 180 -2.50 2.54 -8.50
CA PHE A 180 -1.75 3.16 -7.39
C PHE A 180 -0.71 2.14 -6.85
N GLY A 181 0.51 2.57 -6.53
CA GLY A 181 1.47 1.69 -5.86
C GLY A 181 2.60 2.57 -5.31
N GLY A 182 3.67 1.96 -4.81
CA GLY A 182 4.80 2.73 -4.32
C GLY A 182 5.63 3.26 -5.48
N ILE A 183 6.51 4.21 -5.17
CA ILE A 183 7.38 4.78 -6.21
C ILE A 183 8.30 3.67 -6.81
N ASP A 184 8.54 2.60 -6.05
CA ASP A 184 9.38 1.50 -6.60
C ASP A 184 8.71 0.74 -7.74
N GLN A 185 7.42 0.95 -7.94
CA GLN A 185 6.75 0.40 -9.13
C GLN A 185 6.98 1.23 -10.41
N ARG A 186 7.61 2.40 -10.31
CA ARG A 186 7.60 3.35 -11.44
C ARG A 186 8.01 2.78 -12.80
N LYS A 187 9.09 1.97 -12.82
CA LYS A 187 9.52 1.41 -14.11
C LYS A 187 8.50 0.43 -14.69
N ILE A 188 7.74 -0.26 -13.84
CA ILE A 188 6.67 -1.13 -14.35
C ILE A 188 5.54 -0.24 -14.90
N PHE A 189 5.29 0.89 -14.22
CA PHE A 189 4.18 1.76 -14.66
C PHE A 189 4.52 2.39 -16.04
N THR A 190 5.75 2.85 -16.20
CA THR A 190 6.07 3.44 -17.49
C THR A 190 6.11 2.34 -18.58
N PHE A 191 6.48 1.10 -18.17
CA PHE A 191 6.49 -0.03 -19.11
C PHE A 191 5.03 -0.23 -19.59
N ALA A 192 4.06 -0.11 -18.64
CA ALA A 192 2.67 -0.38 -19.06
C ALA A 192 2.25 0.75 -20.00
N LYS A 193 2.74 1.95 -19.67
CA LYS A 193 2.33 3.10 -20.44
C LYS A 193 2.85 2.91 -21.85
N LYS A 194 4.03 2.31 -21.96
CA LYS A 194 4.65 2.21 -23.29
C LYS A 194 3.96 1.09 -24.08
N TYR A 195 3.58 0.01 -23.41
CA TYR A 195 3.30 -1.17 -24.24
C TYR A 195 1.81 -1.51 -24.40
N LEU A 196 0.98 -1.12 -23.45
CA LEU A 196 -0.46 -1.42 -23.62
C LEU A 196 -1.03 -0.91 -24.98
N PRO A 197 -0.61 0.30 -25.45
CA PRO A 197 -1.09 0.74 -26.78
C PRO A 197 -0.69 -0.14 -27.96
N ALA A 198 0.35 -0.93 -27.81
CA ALA A 198 0.70 -1.83 -28.92
C ALA A 198 -0.29 -2.98 -29.01
N LEU A 199 -1.04 -3.18 -27.93
CA LEU A 199 -2.05 -4.24 -27.90
C LEU A 199 -3.42 -3.63 -28.16
N GLY A 200 -3.44 -2.34 -28.45
CA GLY A 200 -4.71 -1.65 -28.67
C GLY A 200 -5.42 -1.23 -27.38
N TYR A 201 -4.73 -1.26 -26.25
CA TYR A 201 -5.29 -0.84 -24.96
C TYR A 201 -4.73 0.53 -24.55
N SER A 202 -5.49 1.33 -23.80
CA SER A 202 -5.03 2.69 -23.46
C SER A 202 -4.06 2.71 -22.25
N LYS A 203 -3.26 3.75 -22.19
CA LYS A 203 -2.34 3.93 -21.08
C LYS A 203 -3.23 4.33 -19.87
N ARG A 204 -2.75 4.08 -18.68
CA ARG A 204 -3.50 4.41 -17.43
C ARG A 204 -2.83 5.56 -16.71
N VAL A 205 -3.59 6.29 -15.89
CA VAL A 205 -3.04 7.22 -14.89
C VAL A 205 -2.25 6.39 -13.84
N HIS A 206 -1.10 6.91 -13.36
CA HIS A 206 -0.36 6.15 -12.38
C HIS A 206 -0.09 7.01 -11.19
N LEU A 207 -0.40 6.49 -10.00
CA LEU A 207 -0.26 7.26 -8.76
C LEU A 207 0.78 6.59 -7.86
N MET A 208 1.79 7.34 -7.43
CA MET A 208 2.90 6.73 -6.68
C MET A 208 3.16 7.35 -5.31
N ASN A 209 3.12 6.50 -4.28
CA ASN A 209 3.46 6.86 -2.90
C ASN A 209 4.99 7.01 -2.75
N PRO A 210 5.46 7.86 -1.85
CA PRO A 210 6.91 7.76 -1.62
C PRO A 210 7.35 6.46 -0.92
N MET A 211 8.64 6.14 -0.99
CA MET A 211 9.20 5.08 -0.15
C MET A 211 9.17 5.61 1.29
N VAL A 212 8.50 4.91 2.19
CA VAL A 212 8.33 5.43 3.56
C VAL A 212 9.14 4.57 4.52
N PRO A 213 10.06 5.18 5.29
CA PRO A 213 10.83 4.41 6.30
C PRO A 213 9.89 3.65 7.28
N GLY A 214 10.28 2.47 7.75
CA GLY A 214 9.40 1.69 8.60
C GLY A 214 9.39 2.24 10.01
N LEU A 215 8.43 1.84 10.84
CA LEU A 215 8.40 2.26 12.24
C LEU A 215 9.59 1.72 13.00
N THR A 216 10.08 0.56 12.60
CA THR A 216 11.26 -0.06 13.19
C THR A 216 12.34 -0.34 12.12
N GLY A 217 12.26 -1.52 11.51
CA GLY A 217 13.19 -1.95 10.47
C GLY A 217 14.66 -1.88 10.83
N LYS A 228 8.74 -4.80 10.96
CA LYS A 228 8.98 -5.79 12.00
C LYS A 228 7.85 -5.79 13.05
N ILE A 229 6.98 -4.76 13.10
CA ILE A 229 5.77 -4.88 13.94
C ILE A 229 4.65 -5.61 13.13
N ASP A 230 4.26 -6.79 13.60
CA ASP A 230 3.20 -7.58 12.94
C ASP A 230 1.82 -7.02 13.30
N LEU A 231 0.88 -7.15 12.39
CA LEU A 231 -0.49 -6.70 12.66
C LEU A 231 -1.11 -7.42 13.85
N LEU A 232 -0.58 -8.60 14.20
CA LEU A 232 -1.15 -9.39 15.30
C LEU A 232 -0.28 -9.37 16.52
N ASP A 233 0.84 -8.65 16.47
CA ASP A 233 1.69 -8.50 17.65
C ASP A 233 0.90 -8.00 18.85
N ARG A 234 1.10 -8.62 20.00
CA ARG A 234 0.38 -8.17 21.18
C ARG A 234 1.02 -6.88 21.72
N LYS A 235 0.28 -6.21 22.60
CA LYS A 235 0.60 -4.85 23.04
C LYS A 235 2.03 -4.64 23.51
N GLU A 236 2.54 -5.56 24.32
CA GLU A 236 3.87 -5.39 24.88
C GLU A 236 4.96 -5.64 23.85
N ASP A 237 4.67 -6.44 22.83
CA ASP A 237 5.61 -6.56 21.72
C ASP A 237 5.62 -5.29 20.90
N VAL A 238 4.45 -4.68 20.70
CA VAL A 238 4.39 -3.37 20.02
C VAL A 238 5.21 -2.32 20.80
N LYS A 239 5.02 -2.31 22.13
CA LYS A 239 5.75 -1.41 23.02
C LYS A 239 7.26 -1.62 22.92
N LYS A 240 7.65 -2.88 23.13
CA LYS A 240 9.02 -3.37 23.03
C LYS A 240 9.67 -2.94 21.71
N LYS A 241 8.96 -3.15 20.61
CA LYS A 241 9.54 -2.87 19.32
C LYS A 241 9.61 -1.37 19.03
N LEU A 242 8.72 -0.58 19.66
CA LEU A 242 8.70 0.85 19.37
C LEU A 242 9.85 1.65 20.00
N LYS A 243 10.29 1.32 21.21
CA LYS A 243 11.33 2.17 21.77
C LYS A 243 12.70 1.58 21.51
N LYS A 244 12.76 0.76 20.48
CA LYS A 244 14.02 0.35 19.89
C LYS A 244 14.07 1.03 18.53
N ALA A 245 12.97 1.67 18.15
CA ALA A 245 12.88 2.38 16.86
C ALA A 245 13.86 3.55 16.78
N PHE A 246 14.24 3.90 15.56
CA PHE A 246 15.17 5.00 15.28
C PHE A 246 14.46 6.34 15.20
N CYS A 247 14.79 7.22 16.14
CA CYS A 247 14.07 8.47 16.31
C CYS A 247 14.96 9.46 17.08
N GLU A 248 15.84 10.14 16.36
CA GLU A 248 16.82 11.10 16.93
C GLU A 248 16.19 12.44 17.24
N PRO A 249 16.53 13.05 18.40
CA PRO A 249 15.92 14.34 18.72
C PRO A 249 16.13 15.35 17.61
N GLY A 250 15.10 16.07 17.17
CA GLY A 250 15.35 17.17 16.24
C GLY A 250 15.44 16.72 14.78
N ASN A 251 15.52 15.42 14.55
CA ASN A 251 15.76 14.93 13.18
C ASN A 251 14.43 14.64 12.48
N VAL A 252 14.06 15.48 11.53
CA VAL A 252 12.78 15.22 10.88
C VAL A 252 12.97 14.49 9.52
N GLU A 253 14.21 14.16 9.16
CA GLU A 253 14.45 13.30 7.95
C GLU A 253 14.59 11.83 8.30
N ASN A 254 14.24 10.93 7.41
CA ASN A 254 14.42 9.50 7.70
C ASN A 254 13.91 9.02 9.07
N ASN A 255 12.88 9.66 9.57
CA ASN A 255 12.23 9.36 10.87
C ASN A 255 10.96 8.50 10.65
N GLY A 256 11.01 7.19 10.95
CA GLY A 256 9.89 6.28 10.65
C GLY A 256 8.68 6.58 11.50
N VAL A 257 8.94 7.17 12.68
CA VAL A 257 7.82 7.52 13.58
C VAL A 257 7.05 8.73 13.03
N LEU A 258 7.79 9.80 12.69
CA LEU A 258 7.16 10.95 12.03
C LEU A 258 6.46 10.53 10.72
N SER A 259 7.10 9.67 9.92
CA SER A 259 6.53 9.22 8.64
C SER A 259 5.22 8.49 8.85
N PHE A 260 5.17 7.63 9.87
CA PHE A 260 3.95 6.90 10.15
C PHE A 260 2.85 7.91 10.49
N ILE A 261 3.20 8.91 11.31
CA ILE A 261 2.19 9.92 11.61
C ILE A 261 1.70 10.68 10.36
N LYS A 262 2.65 11.12 9.55
CA LYS A 262 2.30 11.85 8.34
C LYS A 262 1.44 11.02 7.35
N HIS A 263 1.73 9.74 7.18
CA HIS A 263 1.12 8.99 6.07
C HIS A 263 -0.09 8.14 6.53
N VAL A 264 -0.19 7.93 7.83
CA VAL A 264 -1.30 7.13 8.34
C VAL A 264 -2.19 7.87 9.37
N LEU A 265 -1.60 8.48 10.40
CA LEU A 265 -2.46 8.93 11.51
C LEU A 265 -3.12 10.27 11.19
N PHE A 266 -2.41 11.18 10.52
CA PHE A 266 -3.08 12.41 10.07
C PHE A 266 -4.18 12.19 9.05
N PRO A 267 -3.93 11.38 8.01
CA PRO A 267 -5.04 11.15 7.08
C PRO A 267 -6.27 10.52 7.77
N LEU A 268 -6.01 9.64 8.73
CA LEU A 268 -7.06 8.93 9.45
C LEU A 268 -7.90 9.87 10.27
N LYS A 269 -7.24 10.80 10.98
CA LYS A 269 -8.07 11.57 11.89
C LYS A 269 -8.11 13.12 11.65
N SER A 270 -7.30 13.64 10.73
CA SER A 270 -7.17 15.09 10.44
C SER A 270 -6.41 15.87 11.51
N GLU A 271 -5.87 15.16 12.48
CA GLU A 271 -5.19 15.82 13.58
C GLU A 271 -4.28 14.80 14.21
N PHE A 272 -3.38 15.27 15.04
CA PHE A 272 -2.62 14.34 15.83
C PHE A 272 -2.31 14.94 17.17
N VAL A 273 -2.49 14.16 18.23
CA VAL A 273 -2.34 14.63 19.59
C VAL A 273 -1.00 14.17 20.16
N ILE A 274 -0.12 15.12 20.51
CA ILE A 274 1.09 14.75 21.21
C ILE A 274 0.79 14.66 22.68
N LEU A 275 1.19 13.53 23.28
CA LEU A 275 1.03 13.30 24.72
C LEU A 275 2.33 13.75 25.42
N ARG A 276 2.24 14.80 26.24
CA ARG A 276 3.41 15.40 26.91
C ARG A 276 3.06 15.74 28.34
N ASP A 277 4.01 15.61 29.27
CA ASP A 277 3.78 16.00 30.66
C ASP A 277 3.48 17.52 30.77
N GLU A 278 2.76 17.91 31.81
CA GLU A 278 2.51 19.31 32.16
C GLU A 278 3.80 20.14 32.19
N LYS A 279 4.82 19.57 32.83
CA LYS A 279 6.16 20.14 32.90
C LYS A 279 6.66 20.74 31.56
N TRP A 280 6.40 20.04 30.45
CA TRP A 280 6.90 20.38 29.10
C TRP A 280 5.80 20.97 28.22
N GLY A 281 4.70 21.36 28.84
CA GLY A 281 3.68 22.06 28.12
C GLY A 281 2.34 21.35 28.02
N GLY A 282 2.28 20.07 28.44
CA GLY A 282 1.03 19.30 28.43
C GLY A 282 0.70 18.91 26.99
N ASN A 283 -0.43 18.23 26.76
CA ASN A 283 -0.73 17.73 25.41
C ASN A 283 -0.83 18.83 24.42
N LYS A 284 -0.57 18.53 23.16
CA LYS A 284 -0.84 19.53 22.13
C LYS A 284 -1.52 18.88 20.93
N THR A 285 -2.48 19.55 20.33
CA THR A 285 -3.19 18.96 19.17
C THR A 285 -2.76 19.70 17.89
N TYR A 286 -2.21 18.97 16.92
CA TYR A 286 -1.76 19.55 15.65
C TYR A 286 -2.83 19.33 14.59
N THR A 287 -3.18 20.36 13.83
CA THR A 287 -4.11 20.18 12.71
C THR A 287 -3.37 20.06 11.39
N ALA A 288 -2.06 20.28 11.39
CA ALA A 288 -1.30 19.98 10.17
C ALA A 288 0.04 19.40 10.51
N TYR A 289 0.50 18.46 9.68
CA TYR A 289 1.78 17.78 9.88
C TYR A 289 2.96 18.78 10.00
N VAL A 290 3.01 19.79 9.11
CA VAL A 290 4.11 20.75 9.10
C VAL A 290 4.33 21.39 10.48
N ASP A 291 3.24 21.60 11.26
CA ASP A 291 3.34 22.18 12.60
C ASP A 291 4.04 21.24 13.59
N LEU A 292 3.68 19.96 13.49
CA LEU A 292 4.28 18.94 14.33
C LEU A 292 5.76 18.81 13.97
N GLU A 293 6.06 18.77 12.68
CA GLU A 293 7.42 18.71 12.19
C GLU A 293 8.27 19.88 12.70
N LYS A 294 7.69 21.08 12.69
CA LYS A 294 8.42 22.25 13.17
C LYS A 294 8.71 22.05 14.66
N ASP A 295 7.72 21.62 15.43
CA ASP A 295 7.99 21.44 16.86
C ASP A 295 9.02 20.35 17.15
N PHE A 296 9.00 19.26 16.38
CA PHE A 296 9.98 18.21 16.55
C PHE A 296 11.36 18.72 16.21
N ALA A 297 11.46 19.47 15.12
CA ALA A 297 12.74 20.06 14.73
C ALA A 297 13.31 20.97 15.85
N ALA A 298 12.43 21.70 16.52
CA ALA A 298 12.81 22.64 17.57
C ALA A 298 13.12 21.88 18.89
N GLU A 299 12.85 20.58 18.91
CA GLU A 299 13.08 19.72 20.08
C GLU A 299 12.16 20.06 21.26
N VAL A 300 10.94 20.49 20.95
CA VAL A 300 9.98 20.61 22.05
C VAL A 300 8.92 19.51 22.00
N VAL A 301 9.12 18.56 21.06
CA VAL A 301 8.46 17.24 21.12
C VAL A 301 9.58 16.20 21.19
N HIS A 302 9.70 15.55 22.34
CA HIS A 302 10.79 14.61 22.58
C HIS A 302 10.52 13.29 21.84
N PRO A 303 11.59 12.61 21.43
CA PRO A 303 11.42 11.27 20.82
C PRO A 303 10.51 10.35 21.67
N GLY A 304 10.73 10.32 22.98
CA GLY A 304 9.98 9.41 23.84
C GLY A 304 8.46 9.67 23.82
N ASP A 305 8.10 10.96 23.83
CA ASP A 305 6.69 11.35 23.81
C ASP A 305 6.09 11.10 22.42
N LEU A 306 6.87 11.34 21.36
CA LEU A 306 6.36 11.05 20.03
C LEU A 306 6.02 9.55 19.91
N LYS A 307 6.96 8.72 20.38
CA LYS A 307 6.76 7.26 20.40
C LYS A 307 5.57 6.82 21.23
N ASN A 308 5.41 7.38 22.43
CA ASN A 308 4.27 7.05 23.25
CA ASN A 308 4.25 7.12 23.30
C ASN A 308 2.96 7.44 22.54
N SER A 309 2.99 8.57 21.81
CA SER A 309 1.73 9.04 21.16
C SER A 309 1.37 8.11 19.98
N VAL A 310 2.43 7.68 19.28
CA VAL A 310 2.21 6.76 18.20
C VAL A 310 1.77 5.38 18.74
N GLU A 311 2.40 4.94 19.81
CA GLU A 311 2.09 3.67 20.40
C GLU A 311 0.59 3.56 20.82
N VAL A 312 0.07 4.61 21.46
CA VAL A 312 -1.36 4.63 21.79
C VAL A 312 -2.24 4.57 20.53
N ALA A 313 -1.91 5.43 19.55
CA ALA A 313 -2.75 5.44 18.34
C ALA A 313 -2.74 4.08 17.60
N LEU A 314 -1.55 3.52 17.54
CA LEU A 314 -1.33 2.29 16.80
C LEU A 314 -2.04 1.14 17.52
N ASN A 315 -1.94 1.10 18.86
CA ASN A 315 -2.60 0.02 19.53
C ASN A 315 -4.12 0.09 19.32
N LYS A 316 -4.65 1.32 19.25
CA LYS A 316 -6.06 1.48 18.88
C LYS A 316 -6.36 0.90 17.50
N LEU A 317 -5.46 1.11 16.54
CA LEU A 317 -5.64 0.52 15.21
C LEU A 317 -5.55 -1.00 15.17
N LEU A 318 -4.67 -1.59 15.98
CA LEU A 318 -4.49 -3.03 15.97
C LEU A 318 -5.53 -3.77 16.80
N ASP A 319 -6.14 -3.13 17.79
CA ASP A 319 -7.00 -3.90 18.69
C ASP A 319 -8.13 -4.70 18.00
N PRO A 320 -8.92 -4.05 17.14
CA PRO A 320 -9.96 -4.85 16.52
C PRO A 320 -9.41 -5.94 15.58
N ILE A 321 -8.22 -5.72 15.03
CA ILE A 321 -7.60 -6.75 14.19
C ILE A 321 -7.20 -7.94 15.03
N ARG A 322 -6.50 -7.67 16.14
CA ARG A 322 -6.08 -8.75 17.04
C ARG A 322 -7.30 -9.53 17.51
N GLU A 323 -8.34 -8.81 17.91
CA GLU A 323 -9.54 -9.49 18.38
C GLU A 323 -10.21 -10.28 17.27
N LYS A 324 -10.21 -9.76 16.04
CA LYS A 324 -10.87 -10.54 15.01
C LYS A 324 -10.07 -11.81 14.69
N PHE A 325 -8.76 -11.75 14.78
CA PHE A 325 -7.97 -12.95 14.53
C PHE A 325 -7.81 -13.81 15.76
N ASN A 326 -8.49 -13.42 16.83
CA ASN A 326 -8.52 -14.21 18.04
C ASN A 326 -9.53 -15.38 17.98
N THR A 327 -10.29 -15.48 16.90
CA THR A 327 -11.31 -16.52 16.76
C THR A 327 -10.68 -17.83 16.31
N PRO A 328 -11.31 -18.99 16.69
CA PRO A 328 -10.80 -20.28 16.22
C PRO A 328 -10.72 -20.28 14.71
N ALA A 329 -9.69 -20.91 14.15
CA ALA A 329 -9.51 -21.09 12.70
C ALA A 329 -8.73 -19.96 12.07
N LEU A 330 -8.76 -18.77 12.66
CA LEU A 330 -7.94 -17.72 12.09
C LEU A 330 -6.49 -17.96 12.52
N LYS A 331 -6.25 -18.60 13.68
CA LYS A 331 -4.84 -18.90 14.02
C LYS A 331 -4.35 -20.18 13.31
N LYS A 332 -5.26 -21.11 13.05
CA LYS A 332 -4.87 -22.23 12.20
C LYS A 332 -4.55 -21.67 10.80
N LEU A 333 -5.32 -20.68 10.34
CA LEU A 333 -5.04 -20.04 9.04
C LEU A 333 -3.66 -19.39 9.06
N ALA A 334 -3.39 -18.60 10.11
CA ALA A 334 -2.09 -17.94 10.27
C ALA A 334 -0.92 -18.90 10.25
N SER A 335 -1.09 -20.05 10.90
CA SER A 335 0.00 -21.00 11.02
C SER A 335 0.21 -21.75 9.72
N ALA A 336 -0.91 -22.13 9.11
CA ALA A 336 -0.86 -22.93 7.88
C ALA A 336 -0.37 -22.10 6.70
N ALA A 337 -0.64 -20.80 6.74
CA ALA A 337 -0.20 -19.90 5.69
C ALA A 337 1.30 -19.75 5.76
N TYR A 338 1.81 -19.69 6.98
CA TYR A 338 3.25 -19.54 7.21
C TYR A 338 3.89 -20.65 8.09
N PRO A 339 4.20 -21.79 7.49
CA PRO A 339 4.79 -22.92 8.23
C PRO A 339 6.32 -22.90 8.28
#